data_7RVA
#
_entry.id   7RVA
#
_cell.length_a   107.578
_cell.length_b   80.715
_cell.length_c   73.299
_cell.angle_alpha   90.000
_cell.angle_beta   122.630
_cell.angle_gamma   90.000
#
_symmetry.space_group_name_H-M   'C 1 2 1'
#
loop_
_entity.id
_entity.type
_entity.pdbx_description
1 polymer "DNA (5'-D(*CP*CP*TP*GP*TP*GP*AP*CP*AP*AP*AP*TP*TP*GP*CP*CP*CP*TP*CP*AP*GP*T)-3')"
2 polymer "DNA (5'-D(*CP*TP*GP*AP*GP*GP*GP*CP*AP*AP*TP*TP*TP*GP*TP*CP*AP*CP*AP*GP*GP*T)-3')"
3 polymer 'Replication initiation protein'
4 polymer UNK-UNK-UNK
5 polymer UNK-UNK-UNK-UNK
6 non-polymer 'SODIUM ION'
7 non-polymer 'MAGNESIUM ION'
8 water water
#
loop_
_entity_poly.entity_id
_entity_poly.type
_entity_poly.pdbx_seq_one_letter_code
_entity_poly.pdbx_strand_id
1 'polydeoxyribonucleotide'
;(DC)(DC)(DT)(DG)(DT)(DG)(DA)(DC)(DA)(DA)(DA)(DT)(DT)(DG)(DC)(DC)(DC)(DT)(DC)(DA)
(DG)(DT)
;
A
2 'polydeoxyribonucleotide'
;(DC)(DT)(DG)(DA)(DG)(DG)(DG)(DC)(DA)(DA)(DT)(DT)(DT)(DG)(DT)(DC)(DA)(DC)(DA)(DG)
(DG)(DT)
;
B
3 'polypeptide(L)'
;MRGSHHHHHHGSMAETAVINHKKRKNSPRIVQSNDLTEAAYSLSRDQKRMLYLFVDQIRKSDGTLQEHDGICEIHVAKYA
EIFGLTSAEASKDIRQALKSFAGKEVVFYRPEEDAGDEKGYESFPWFIKPAHSPSRGLYSVHINPYLIPFFIGLQNRFTQ
FRLSETKEITNPYAMRLYESLCQYRKPDGSGIVSLKIDWIIERYQLPQSYQRMPDFRRRFLQVCVNEINSRTPMRLSYIE
KKKGRQTTHIVFSFRDITSMTTG
;
C
4 'polypeptide(L)' (UNK)(UNK)(UNK) D
5 'polypeptide(L)' (UNK)(UNK)(UNK)(UNK) E
#
loop_
_chem_comp.id
_chem_comp.type
_chem_comp.name
_chem_comp.formula
DA DNA linking 2'-DEOXYADENOSINE-5'-MONOPHOSPHATE 'C10 H14 N5 O6 P'
DC DNA linking 2'-DEOXYCYTIDINE-5'-MONOPHOSPHATE 'C9 H14 N3 O7 P'
DG DNA linking 2'-DEOXYGUANOSINE-5'-MONOPHOSPHATE 'C10 H14 N5 O7 P'
DT DNA linking THYMIDINE-5'-MONOPHOSPHATE 'C10 H15 N2 O8 P'
MG non-polymer 'MAGNESIUM ION' 'Mg 2'
NA non-polymer 'SODIUM ION' 'Na 1'
#
# COMPACT_ATOMS: atom_id res chain seq x y z
N LYS C 23 2.70 7.87 -20.83
CA LYS C 23 2.16 8.61 -19.69
C LYS C 23 1.68 7.64 -18.62
N ARG C 24 1.51 8.13 -17.39
CA ARG C 24 0.80 7.37 -16.37
C ARG C 24 -0.45 8.12 -15.90
N LYS C 25 -0.79 9.23 -16.56
CA LYS C 25 -1.97 10.01 -16.17
C LYS C 25 -3.27 9.22 -16.30
N ASN C 26 -3.29 8.15 -17.09
CA ASN C 26 -4.51 7.41 -17.37
C ASN C 26 -4.85 6.37 -16.30
N SER C 27 -3.89 5.95 -15.50
CA SER C 27 -4.16 5.06 -14.38
C SER C 27 -4.92 5.81 -13.29
N PRO C 28 -5.83 5.14 -12.58
CA PRO C 28 -6.53 5.80 -11.46
C PRO C 28 -5.55 6.41 -10.46
N ARG C 29 -5.78 7.66 -10.10
CA ARG C 29 -4.95 8.34 -9.11
C ARG C 29 -5.40 7.90 -7.72
N ILE C 30 -4.62 7.02 -7.10
CA ILE C 30 -4.87 6.62 -5.71
C ILE C 30 -4.38 7.73 -4.79
N VAL C 31 -5.23 8.14 -3.86
CA VAL C 31 -4.94 9.27 -2.97
C VAL C 31 -5.43 8.86 -1.59
N GLN C 32 -4.52 8.69 -0.65
CA GLN C 32 -4.87 8.23 0.68
C GLN C 32 -4.26 9.13 1.73
N SER C 33 -4.92 9.19 2.89
CA SER C 33 -4.36 9.91 4.02
C SER C 33 -3.04 9.30 4.43
N ASN C 34 -2.11 10.15 4.86
CA ASN C 34 -0.88 9.66 5.47
C ASN C 34 -1.17 8.77 6.66
N ASP C 35 -2.29 9.03 7.35
CA ASP C 35 -2.66 8.17 8.47
C ASP C 35 -2.73 6.71 8.03
N LEU C 36 -3.20 6.47 6.80
CA LEU C 36 -3.27 5.11 6.27
C LEU C 36 -1.91 4.64 5.77
N THR C 37 -1.17 5.51 5.08
CA THR C 37 0.19 5.16 4.71
C THR C 37 1.00 4.66 5.91
N GLU C 38 0.77 5.27 7.08
CA GLU C 38 1.54 4.98 8.28
C GLU C 38 0.83 4.03 9.23
N ALA C 39 -0.37 3.60 8.89
CA ALA C 39 -1.10 2.73 9.79
C ALA C 39 -0.37 1.40 9.96
N ALA C 40 -0.69 0.73 11.05
CA ALA C 40 -0.12 -0.58 11.38
C ALA C 40 -1.13 -1.68 11.05
N TYR C 41 -0.74 -2.57 10.15
CA TYR C 41 -1.66 -3.63 9.74
C TYR C 41 -0.88 -4.64 8.91
N SER C 42 -1.51 -5.80 8.71
CA SER C 42 -0.97 -6.89 7.90
C SER C 42 -2.02 -7.27 6.86
N LEU C 43 -1.81 -6.86 5.62
CA LEU C 43 -2.65 -7.26 4.51
C LEU C 43 -1.80 -7.96 3.47
N SER C 44 -2.39 -8.92 2.79
CA SER C 44 -1.70 -9.54 1.67
C SER C 44 -1.65 -8.56 0.50
N ARG C 45 -0.83 -8.87 -0.51
CA ARG C 45 -0.89 -8.08 -1.74
C ARG C 45 -2.30 -7.95 -2.27
N ASP C 46 -3.02 -9.06 -2.35
CA ASP C 46 -4.35 -9.03 -2.96
C ASP C 46 -5.29 -8.16 -2.15
N GLN C 47 -5.20 -8.23 -0.82
CA GLN C 47 -6.04 -7.39 0.01
C GLN C 47 -5.68 -5.92 -0.15
N LYS C 48 -4.39 -5.60 -0.33
CA LYS C 48 -4.03 -4.19 -0.55
C LYS C 48 -4.45 -3.71 -1.92
N ARG C 49 -4.42 -4.59 -2.93
CA ARG C 49 -4.90 -4.21 -4.25
C ARG C 49 -6.35 -3.79 -4.19
N MET C 50 -7.16 -4.59 -3.49
CA MET C 50 -8.58 -4.26 -3.33
C MET C 50 -8.70 -3.00 -2.48
N LEU C 51 -7.91 -2.92 -1.41
CA LEU C 51 -8.00 -1.77 -0.53
C LEU C 51 -7.78 -0.48 -1.30
N TYR C 52 -6.86 -0.48 -2.28
CA TYR C 52 -6.73 0.69 -3.14
C TYR C 52 -8.07 1.04 -3.76
N LEU C 53 -8.73 0.04 -4.38
CA LEU C 53 -10.00 0.30 -5.07
C LEU C 53 -11.06 0.77 -4.09
N PHE C 54 -11.07 0.21 -2.88
CA PHE C 54 -12.03 0.65 -1.87
C PHE C 54 -11.83 2.11 -1.53
N VAL C 55 -10.59 2.47 -1.19
CA VAL C 55 -10.28 3.85 -0.85
C VAL C 55 -10.60 4.76 -2.01
N ASP C 56 -10.37 4.29 -3.24
CA ASP C 56 -10.74 5.09 -4.41
C ASP C 56 -12.24 5.30 -4.47
N GLN C 57 -13.02 4.24 -4.25
CA GLN C 57 -14.48 4.39 -4.24
C GLN C 57 -14.92 5.35 -3.15
N ILE C 58 -14.44 5.12 -1.92
CA ILE C 58 -14.82 5.99 -0.81
C ILE C 58 -14.36 7.42 -1.06
N ARG C 59 -13.19 7.59 -1.66
CA ARG C 59 -12.65 8.90 -1.98
C ARG C 59 -13.50 9.65 -3.00
N LYS C 60 -14.39 8.96 -3.72
CA LYS C 60 -15.17 9.59 -4.79
C LYS C 60 -16.62 9.83 -4.40
N SER C 61 -16.89 10.01 -3.11
CA SER C 61 -18.24 10.32 -2.65
C SER C 61 -18.26 10.91 -1.24
N HIS C 68 -20.92 8.78 3.07
CA HIS C 68 -20.64 7.44 2.59
C HIS C 68 -20.70 6.41 3.72
N ASP C 69 -21.21 5.22 3.42
CA ASP C 69 -21.52 4.21 4.43
C ASP C 69 -20.51 3.07 4.46
N GLY C 70 -19.44 3.18 3.67
CA GLY C 70 -18.42 2.15 3.65
C GLY C 70 -18.69 1.00 2.70
N ILE C 71 -19.82 1.00 2.01
CA ILE C 71 -20.20 -0.14 1.17
C ILE C 71 -19.59 0.03 -0.21
N CYS C 72 -18.64 -0.84 -0.55
CA CYS C 72 -17.90 -0.79 -1.80
C CYS C 72 -18.19 -2.05 -2.60
N GLU C 73 -17.70 -2.08 -3.84
CA GLU C 73 -18.01 -3.19 -4.72
CA GLU C 73 -18.04 -3.15 -4.76
C GLU C 73 -16.83 -3.47 -5.64
N ILE C 74 -16.51 -4.75 -5.77
CA ILE C 74 -15.48 -5.23 -6.68
C ILE C 74 -16.16 -6.04 -7.77
N HIS C 75 -15.81 -5.75 -9.02
CA HIS C 75 -16.18 -6.58 -10.15
C HIS C 75 -15.00 -7.46 -10.51
N VAL C 76 -15.24 -8.77 -10.66
CA VAL C 76 -14.17 -9.69 -11.06
C VAL C 76 -13.57 -9.25 -12.39
N ALA C 77 -14.42 -8.88 -13.35
CA ALA C 77 -13.91 -8.59 -14.69
C ALA C 77 -13.03 -7.35 -14.69
N LYS C 78 -13.42 -6.30 -13.96
CA LYS C 78 -12.57 -5.12 -13.98
C LYS C 78 -11.30 -5.33 -13.17
N TYR C 79 -11.38 -6.09 -12.08
CA TYR C 79 -10.19 -6.44 -11.31
C TYR C 79 -9.20 -7.20 -12.17
N ALA C 80 -9.69 -8.16 -12.96
CA ALA C 80 -8.81 -8.90 -13.86
C ALA C 80 -8.15 -7.97 -14.86
N GLU C 81 -8.94 -7.07 -15.47
CA GLU C 81 -8.39 -6.15 -16.45
CA GLU C 81 -8.42 -6.12 -16.45
C GLU C 81 -7.33 -5.24 -15.83
N ILE C 82 -7.61 -4.69 -14.65
CA ILE C 82 -6.68 -3.77 -13.97
C ILE C 82 -5.35 -4.47 -13.68
N PHE C 83 -5.40 -5.68 -13.13
CA PHE C 83 -4.21 -6.31 -12.61
C PHE C 83 -3.64 -7.40 -13.51
N GLY C 84 -4.18 -7.56 -14.72
CA GLY C 84 -3.59 -8.45 -15.71
C GLY C 84 -3.84 -9.90 -15.35
N LEU C 85 -5.02 -10.22 -14.88
CA LEU C 85 -5.40 -11.56 -14.45
C LEU C 85 -6.44 -12.15 -15.38
N THR C 86 -6.50 -13.49 -15.38
CA THR C 86 -7.66 -14.17 -15.96
C THR C 86 -8.85 -13.98 -15.03
N SER C 87 -10.04 -14.16 -15.58
CA SER C 87 -11.24 -14.09 -14.76
C SER C 87 -11.12 -15.03 -13.56
N ALA C 88 -10.76 -16.29 -13.83
CA ALA C 88 -10.71 -17.29 -12.78
C ALA C 88 -9.74 -16.90 -11.68
N GLU C 89 -8.55 -16.43 -12.04
CA GLU C 89 -7.60 -16.08 -10.98
C GLU C 89 -8.07 -14.86 -10.23
N ALA C 90 -8.68 -13.90 -10.94
CA ALA C 90 -9.17 -12.71 -10.25
C ALA C 90 -10.32 -13.06 -9.32
N SER C 91 -11.23 -13.93 -9.76
CA SER C 91 -12.23 -14.47 -8.85
C SER C 91 -11.55 -15.12 -7.65
N LYS C 92 -10.52 -15.94 -7.91
CA LYS C 92 -9.87 -16.63 -6.80
C LYS C 92 -9.20 -15.62 -5.88
N ASP C 93 -8.42 -14.69 -6.45
CA ASP C 93 -7.73 -13.70 -5.61
C ASP C 93 -8.73 -12.99 -4.72
N ILE C 94 -9.85 -12.55 -5.30
CA ILE C 94 -10.82 -11.72 -4.58
C ILE C 94 -11.53 -12.51 -3.50
N ARG C 95 -11.97 -13.72 -3.81
CA ARG C 95 -12.69 -14.53 -2.85
C ARG C 95 -11.81 -14.85 -1.65
N GLN C 96 -10.58 -15.27 -1.91
CA GLN C 96 -9.68 -15.68 -0.82
C GLN C 96 -9.25 -14.48 0.02
N ALA C 97 -8.97 -13.34 -0.62
CA ALA C 97 -8.62 -12.12 0.11
C ALA C 97 -9.78 -11.62 0.95
N LEU C 98 -10.98 -11.62 0.39
CA LEU C 98 -12.14 -11.14 1.15
C LEU C 98 -12.36 -11.97 2.40
N LYS C 99 -12.16 -13.28 2.30
CA LYS C 99 -12.33 -14.12 3.47
C LYS C 99 -11.24 -13.87 4.49
N SER C 100 -10.05 -13.48 4.02
CA SER C 100 -8.91 -13.28 4.91
C SER C 100 -8.95 -11.95 5.65
N PHE C 101 -9.88 -11.05 5.34
CA PHE C 101 -9.96 -9.80 6.08
C PHE C 101 -10.48 -10.01 7.49
N ALA C 102 -11.19 -11.11 7.74
CA ALA C 102 -11.84 -11.31 9.03
C ALA C 102 -10.80 -11.42 10.14
N GLY C 103 -11.09 -10.83 11.29
CA GLY C 103 -10.13 -10.82 12.36
C GLY C 103 -9.02 -9.81 12.19
N LYS C 104 -8.89 -9.19 11.01
CA LYS C 104 -7.79 -8.25 10.75
C LYS C 104 -8.21 -6.86 11.20
N GLU C 105 -7.37 -6.22 12.01
CA GLU C 105 -7.60 -4.84 12.44
C GLU C 105 -6.46 -3.96 11.96
N VAL C 106 -6.76 -2.68 11.85
CA VAL C 106 -5.80 -1.66 11.46
C VAL C 106 -5.70 -0.62 12.57
N VAL C 107 -4.47 -0.33 12.98
CA VAL C 107 -4.21 0.55 14.11
C VAL C 107 -3.62 1.84 13.55
N PHE C 108 -4.24 2.96 13.92
CA PHE C 108 -3.84 4.30 13.48
C PHE C 108 -3.19 5.04 14.62
N TYR C 109 -2.17 5.82 14.31
CA TYR C 109 -1.38 6.54 15.29
C TYR C 109 -1.49 8.04 15.02
N ARG C 110 -0.59 8.80 15.64
CA ARG C 110 -0.55 10.26 15.55
C ARG C 110 -1.81 10.86 16.15
N TYR C 121 -3.27 5.65 19.86
CA TYR C 121 -3.41 4.26 19.44
C TYR C 121 -4.90 3.96 19.17
N GLU C 122 -5.34 3.73 17.93
CA GLU C 122 -6.75 3.35 17.75
C GLU C 122 -6.93 2.23 16.74
N SER C 123 -7.60 1.16 17.16
CA SER C 123 -7.72 -0.08 16.39
C SER C 123 -9.16 -0.27 15.92
N PHE C 124 -9.31 -0.62 14.64
CA PHE C 124 -10.61 -0.83 14.00
C PHE C 124 -10.57 -2.08 13.14
N PRO C 125 -11.64 -2.88 13.15
CA PRO C 125 -11.76 -3.95 12.15
C PRO C 125 -11.96 -3.35 10.76
N TRP C 126 -11.34 -3.97 9.75
CA TRP C 126 -11.51 -3.47 8.39
C TRP C 126 -12.95 -3.59 7.93
N PHE C 127 -13.53 -4.77 8.11
CA PHE C 127 -14.90 -5.07 7.68
C PHE C 127 -15.79 -5.25 8.91
N ILE C 128 -17.04 -4.81 8.82
CA ILE C 128 -17.98 -5.08 9.89
C ILE C 128 -19.06 -6.08 9.49
N LYS C 129 -19.00 -6.61 8.28
CA LYS C 129 -19.89 -7.62 7.74
C LYS C 129 -19.06 -8.50 6.81
N PRO C 130 -19.36 -9.79 6.69
CA PRO C 130 -18.72 -10.57 5.62
C PRO C 130 -19.07 -9.98 4.27
N ALA C 131 -18.17 -10.08 3.31
CA ALA C 131 -18.55 -9.69 1.96
C ALA C 131 -19.48 -10.76 1.40
N HIS C 132 -20.31 -10.35 0.43
CA HIS C 132 -21.16 -11.31 -0.26
C HIS C 132 -21.19 -10.95 -1.73
N SER C 133 -21.64 -11.91 -2.54
CA SER C 133 -21.73 -11.72 -3.98
C SER C 133 -23.20 -11.71 -4.36
N PRO C 134 -23.79 -10.55 -4.64
CA PRO C 134 -25.23 -10.50 -4.95
C PRO C 134 -25.55 -10.97 -6.35
N SER C 135 -24.53 -11.09 -7.20
CA SER C 135 -24.71 -11.57 -8.56
C SER C 135 -23.33 -11.97 -9.07
N ARG C 136 -23.35 -12.79 -10.11
CA ARG C 136 -22.12 -13.40 -10.60
C ARG C 136 -21.11 -12.33 -10.99
N GLY C 137 -19.90 -12.42 -10.41
CA GLY C 137 -18.83 -11.51 -10.72
C GLY C 137 -18.75 -10.27 -9.85
N LEU C 138 -19.75 -10.01 -9.02
CA LEU C 138 -19.80 -8.83 -8.19
C LEU C 138 -19.70 -9.18 -6.71
N TYR C 139 -18.89 -8.44 -5.96
CA TYR C 139 -18.75 -8.61 -4.53
C TYR C 139 -19.05 -7.29 -3.84
N SER C 140 -19.93 -7.33 -2.84
CA SER C 140 -20.27 -6.18 -2.01
C SER C 140 -19.55 -6.28 -0.67
N VAL C 141 -18.90 -5.20 -0.25
CA VAL C 141 -18.07 -5.23 0.96
C VAL C 141 -18.53 -4.11 1.89
N HIS C 142 -18.39 -4.33 3.18
CA HIS C 142 -18.85 -3.37 4.18
C HIS C 142 -17.64 -2.87 4.96
N ILE C 143 -16.96 -1.85 4.42
CA ILE C 143 -15.88 -1.20 5.14
C ILE C 143 -16.44 -0.54 6.39
N ASN C 144 -15.73 -0.71 7.50
CA ASN C 144 -16.08 -0.04 8.73
C ASN C 144 -16.26 1.45 8.46
N PRO C 145 -17.47 2.01 8.60
CA PRO C 145 -17.65 3.42 8.28
C PRO C 145 -16.85 4.34 9.17
N TYR C 146 -16.40 3.87 10.34
CA TYR C 146 -15.50 4.68 11.16
C TYR C 146 -14.09 4.76 10.59
N LEU C 147 -13.77 3.98 9.56
CA LEU C 147 -12.47 4.14 8.89
C LEU C 147 -12.48 5.23 7.84
N ILE C 148 -13.66 5.70 7.43
CA ILE C 148 -13.74 6.67 6.34
C ILE C 148 -12.85 7.90 6.57
N PRO C 149 -12.90 8.57 7.73
CA PRO C 149 -12.04 9.75 7.91
C PRO C 149 -10.58 9.42 7.76
N PHE C 150 -10.19 8.27 8.29
CA PHE C 150 -8.79 7.83 8.26
C PHE C 150 -8.33 7.58 6.84
N PHE C 151 -9.26 7.18 5.95
CA PHE C 151 -8.90 7.01 4.54
C PHE C 151 -8.75 8.37 3.86
N ILE C 152 -9.58 9.34 4.25
CA ILE C 152 -9.63 10.63 3.59
C ILE C 152 -8.56 11.57 4.15
N GLY C 153 -8.56 11.75 5.47
CA GLY C 153 -7.47 12.43 6.12
C GLY C 153 -7.60 13.94 6.13
N LEU C 154 -6.48 14.58 6.43
CA LEU C 154 -6.46 16.01 6.70
C LEU C 154 -6.32 16.76 5.38
N GLN C 155 -5.98 18.05 5.44
CA GLN C 155 -6.06 18.93 4.28
C GLN C 155 -4.96 18.66 3.26
N ASN C 156 -3.71 18.54 3.73
CA ASN C 156 -2.56 18.37 2.84
C ASN C 156 -1.62 17.28 3.33
N ARG C 157 -2.14 16.32 4.10
CA ARG C 157 -1.34 15.25 4.67
C ARG C 157 -1.82 13.95 4.02
N PHE C 158 -1.41 13.75 2.77
CA PHE C 158 -1.91 12.64 1.97
C PHE C 158 -0.79 12.09 1.09
N THR C 159 -0.96 10.83 0.71
CA THR C 159 -0.06 10.12 -0.21
C THR C 159 -0.78 9.84 -1.51
N GLN C 160 -0.13 10.14 -2.64
CA GLN C 160 -0.74 9.86 -3.93
C GLN C 160 0.23 9.10 -4.82
N PHE C 161 -0.36 8.22 -5.64
CA PHE C 161 0.35 7.48 -6.67
C PHE C 161 -0.68 6.99 -7.68
N ARG C 162 -0.27 6.91 -8.95
CA ARG C 162 -1.08 6.20 -9.93
C ARG C 162 -1.10 4.72 -9.57
N LEU C 163 -2.27 4.09 -9.74
CA LEU C 163 -2.38 2.67 -9.43
C LEU C 163 -1.44 1.82 -10.26
N SER C 164 -1.14 2.26 -11.47
CA SER C 164 -0.15 1.56 -12.29
C SER C 164 1.19 1.44 -11.58
N GLU C 165 1.52 2.38 -10.70
CA GLU C 165 2.83 2.31 -10.07
C GLU C 165 2.95 1.11 -9.15
N THR C 166 1.84 0.68 -8.54
CA THR C 166 1.87 -0.34 -7.52
C THR C 166 1.30 -1.68 -7.98
N LYS C 167 0.72 -1.75 -9.17
CA LYS C 167 -0.03 -2.95 -9.52
C LYS C 167 0.85 -4.10 -9.98
N GLU C 168 2.14 -3.87 -10.27
CA GLU C 168 3.05 -4.96 -10.58
C GLU C 168 3.99 -5.30 -9.42
N ILE C 169 3.86 -4.62 -8.28
CA ILE C 169 4.59 -5.01 -7.09
C ILE C 169 3.95 -6.26 -6.52
N THR C 170 4.76 -7.20 -6.05
CA THR C 170 4.24 -8.48 -5.55
C THR C 170 4.26 -8.57 -4.04
N ASN C 171 5.39 -8.27 -3.41
CA ASN C 171 5.51 -8.33 -1.95
C ASN C 171 4.70 -7.22 -1.31
N PRO C 172 3.72 -7.53 -0.46
CA PRO C 172 2.95 -6.46 0.19
C PRO C 172 3.83 -5.48 0.97
N TYR C 173 4.95 -5.94 1.55
CA TYR C 173 5.85 -5.00 2.25
C TYR C 173 6.47 -4.02 1.27
N ALA C 174 6.76 -4.46 0.04
CA ALA C 174 7.28 -3.50 -0.93
C ALA C 174 6.22 -2.49 -1.28
N MET C 175 4.95 -2.89 -1.20
CA MET C 175 3.87 -1.94 -1.47
C MET C 175 3.82 -0.92 -0.34
N ARG C 176 3.92 -1.40 0.90
CA ARG C 176 4.02 -0.51 2.06
C ARG C 176 5.18 0.47 1.88
N LEU C 177 6.37 -0.05 1.60
CA LEU C 177 7.52 0.83 1.38
C LEU C 177 7.23 1.85 0.28
N TYR C 178 6.69 1.39 -0.84
CA TYR C 178 6.43 2.32 -1.94
C TYR C 178 5.54 3.47 -1.47
N GLU C 179 4.48 3.13 -0.75
CA GLU C 179 3.54 4.15 -0.33
C GLU C 179 4.19 5.14 0.61
N SER C 180 4.96 4.65 1.58
CA SER C 180 5.70 5.56 2.45
C SER C 180 6.60 6.49 1.64
N LEU C 181 7.38 5.92 0.72
CA LEU C 181 8.20 6.76 -0.16
C LEU C 181 7.36 7.78 -0.88
N CYS C 182 6.19 7.38 -1.35
CA CYS C 182 5.36 8.33 -2.09
C CYS C 182 4.89 9.45 -1.19
N GLN C 183 4.72 9.14 0.10
CA GLN C 183 4.30 10.18 1.04
C GLN C 183 5.28 11.34 1.06
N TYR C 184 6.55 11.09 0.75
CA TYR C 184 7.59 12.11 0.79
C TYR C 184 8.02 12.56 -0.60
N ARG C 185 7.34 12.08 -1.63
CA ARG C 185 7.69 12.41 -3.00
C ARG C 185 7.33 13.85 -3.30
N LYS C 186 8.23 14.54 -4.01
CA LYS C 186 8.01 15.89 -4.47
C LYS C 186 7.26 15.86 -5.81
N PRO C 187 6.73 16.99 -6.26
CA PRO C 187 6.09 17.00 -7.58
C PRO C 187 6.96 16.43 -8.69
N ASP C 188 8.27 16.65 -8.62
CA ASP C 188 9.22 16.16 -9.62
C ASP C 188 9.54 14.67 -9.46
N GLY C 189 8.79 13.95 -8.64
CA GLY C 189 9.01 12.53 -8.49
C GLY C 189 10.24 12.14 -7.70
N SER C 190 10.89 13.09 -7.03
CA SER C 190 12.08 12.81 -6.23
C SER C 190 11.76 12.96 -4.75
N GLY C 191 12.63 12.42 -3.91
CA GLY C 191 12.44 12.57 -2.48
C GLY C 191 13.54 11.91 -1.69
N ILE C 192 13.57 12.24 -0.40
CA ILE C 192 14.50 11.65 0.55
C ILE C 192 13.80 11.57 1.90
N VAL C 193 13.95 10.44 2.58
CA VAL C 193 13.28 10.25 3.87
C VAL C 193 14.06 9.24 4.67
N SER C 194 14.21 9.52 5.97
CA SER C 194 14.78 8.58 6.92
C SER C 194 13.65 7.85 7.64
N LEU C 195 13.63 6.52 7.51
CA LEU C 195 12.63 5.68 8.17
C LEU C 195 13.31 4.91 9.29
N LYS C 196 12.81 5.06 10.51
CA LYS C 196 13.38 4.32 11.62
C LYS C 196 12.96 2.85 11.53
N ILE C 197 13.87 1.95 11.88
CA ILE C 197 13.61 0.55 11.62
C ILE C 197 12.57 0.00 12.58
N ASP C 198 12.60 0.43 13.84
N ASP C 198 12.61 0.42 13.83
CA ASP C 198 11.58 -0.05 14.76
CA ASP C 198 11.58 -0.05 14.76
C ASP C 198 10.19 0.42 14.33
C ASP C 198 10.20 0.40 14.29
N TRP C 199 10.12 1.57 13.66
CA TRP C 199 8.85 2.05 13.12
C TRP C 199 8.42 1.20 11.93
N ILE C 200 9.34 0.93 10.99
CA ILE C 200 9.05 0.06 9.86
C ILE C 200 8.48 -1.26 10.36
N ILE C 201 9.20 -1.88 11.29
CA ILE C 201 8.77 -3.17 11.83
C ILE C 201 7.38 -3.06 12.45
N GLU C 202 7.15 -1.99 13.22
CA GLU C 202 5.87 -1.87 13.92
C GLU C 202 4.73 -1.59 12.93
N ARG C 203 4.92 -0.68 11.99
CA ARG C 203 3.80 -0.29 11.14
C ARG C 203 3.60 -1.26 9.99
N TYR C 204 4.67 -1.72 9.36
CA TYR C 204 4.48 -2.70 8.28
C TYR C 204 4.18 -4.07 8.84
N GLN C 205 4.29 -4.23 10.16
CA GLN C 205 4.09 -5.47 10.92
C GLN C 205 4.91 -6.60 10.29
N LEU C 206 6.20 -6.31 10.11
CA LEU C 206 7.13 -7.28 9.57
C LEU C 206 7.16 -8.49 10.50
N PRO C 207 7.42 -9.67 9.94
CA PRO C 207 7.54 -10.88 10.75
C PRO C 207 8.63 -10.72 11.81
N GLN C 208 8.55 -11.55 12.84
CA GLN C 208 9.44 -11.36 13.98
C GLN C 208 10.90 -11.64 13.63
N SER C 209 11.15 -12.59 12.72
CA SER C 209 12.54 -12.87 12.43
C SER C 209 13.27 -11.66 11.84
N TYR C 210 12.54 -10.67 11.30
CA TYR C 210 13.21 -9.48 10.77
C TYR C 210 13.60 -8.47 11.85
N GLN C 211 13.43 -8.81 13.13
CA GLN C 211 14.13 -8.08 14.18
CA GLN C 211 14.13 -8.11 14.21
C GLN C 211 15.60 -8.42 14.22
N ARG C 212 16.02 -9.49 13.55
CA ARG C 212 17.42 -9.80 13.38
C ARG C 212 17.86 -9.10 12.11
N MET C 213 18.83 -8.21 12.23
CA MET C 213 18.95 -7.19 11.21
C MET C 213 19.44 -7.86 9.90
N PRO C 214 20.31 -8.89 9.95
CA PRO C 214 20.65 -9.59 8.69
C PRO C 214 19.45 -10.14 7.94
N ASP C 215 18.45 -10.67 8.65
CA ASP C 215 17.26 -11.17 7.97
C ASP C 215 16.42 -10.02 7.44
N PHE C 216 16.33 -8.93 8.21
CA PHE C 216 15.69 -7.72 7.72
C PHE C 216 16.30 -7.27 6.40
N ARG C 217 17.63 -7.17 6.35
CA ARG C 217 18.31 -6.80 5.11
C ARG C 217 17.90 -7.71 3.95
N ARG C 218 17.97 -9.01 4.15
CA ARG C 218 17.98 -9.92 3.01
C ARG C 218 16.56 -10.24 2.54
N ARG C 219 15.62 -10.40 3.46
CA ARG C 219 14.27 -10.81 3.09
C ARG C 219 13.28 -9.66 3.00
N PHE C 220 13.55 -8.52 3.64
CA PHE C 220 12.71 -7.33 3.47
C PHE C 220 13.39 -6.26 2.61
N LEU C 221 14.47 -5.67 3.12
CA LEU C 221 14.97 -4.42 2.56
C LEU C 221 15.47 -4.62 1.13
N GLN C 222 16.42 -5.54 0.93
CA GLN C 222 16.95 -5.68 -0.42
C GLN C 222 15.87 -6.15 -1.37
N VAL C 223 14.94 -6.95 -0.87
CA VAL C 223 13.88 -7.51 -1.72
C VAL C 223 12.91 -6.41 -2.14
N CYS C 224 12.53 -5.54 -1.20
CA CYS C 224 11.52 -4.54 -1.53
C CYS C 224 12.12 -3.42 -2.37
N VAL C 225 13.37 -3.04 -2.11
CA VAL C 225 14.04 -2.06 -2.95
C VAL C 225 14.22 -2.60 -4.35
N ASN C 226 14.60 -3.88 -4.48
CA ASN C 226 14.69 -4.47 -5.81
C ASN C 226 13.34 -4.49 -6.51
N GLU C 227 12.24 -4.74 -5.80
CA GLU C 227 10.99 -4.72 -6.54
C GLU C 227 10.66 -3.31 -7.00
N ILE C 228 10.88 -2.31 -6.15
CA ILE C 228 10.51 -0.96 -6.53
C ILE C 228 11.32 -0.54 -7.75
N ASN C 229 12.60 -0.90 -7.78
CA ASN C 229 13.42 -0.51 -8.91
C ASN C 229 13.03 -1.28 -10.14
N SER C 230 12.57 -2.52 -9.97
CA SER C 230 12.23 -3.39 -11.08
C SER C 230 10.82 -3.15 -11.59
N ARG C 231 9.93 -2.62 -10.76
CA ARG C 231 8.51 -2.69 -11.04
CA ARG C 231 8.52 -2.68 -11.12
C ARG C 231 7.77 -1.36 -10.99
N THR C 232 8.44 -0.25 -10.68
CA THR C 232 7.78 1.03 -10.56
C THR C 232 8.52 2.05 -11.41
N PRO C 233 7.99 3.27 -11.56
CA PRO C 233 8.81 4.32 -12.19
C PRO C 233 9.84 4.94 -11.26
N MET C 234 9.86 4.56 -9.98
CA MET C 234 10.79 5.16 -9.02
C MET C 234 12.11 4.40 -9.04
N ARG C 235 13.21 5.14 -8.98
CA ARG C 235 14.55 4.55 -8.86
C ARG C 235 15.06 4.88 -7.47
N LEU C 236 15.37 3.84 -6.68
CA LEU C 236 15.50 3.95 -5.24
C LEU C 236 16.85 3.46 -4.76
N SER C 237 17.51 4.25 -3.92
CA SER C 237 18.69 3.78 -3.21
C SER C 237 18.51 4.04 -1.73
N TYR C 238 19.45 3.57 -0.93
CA TYR C 238 19.34 3.73 0.51
C TYR C 238 20.71 3.61 1.16
N ILE C 239 20.83 4.23 2.33
N ILE C 239 20.85 4.22 2.32
CA ILE C 239 21.98 4.15 3.24
CA ILE C 239 22.00 4.00 3.18
C ILE C 239 21.45 3.63 4.57
C ILE C 239 21.49 3.64 4.56
N GLU C 240 22.30 2.91 5.30
CA GLU C 240 21.97 2.50 6.66
C GLU C 240 22.58 3.49 7.64
N LYS C 241 21.80 3.89 8.65
CA LYS C 241 22.30 4.73 9.73
C LYS C 241 22.64 3.87 10.94
N LYS C 242 23.85 4.04 11.47
CA LYS C 242 24.33 3.29 12.62
C LYS C 242 24.20 4.13 13.89
N LYS C 243 23.98 3.47 15.02
CA LYS C 243 24.29 4.04 16.32
C LYS C 243 25.04 2.96 17.07
N GLY C 244 26.32 3.19 17.30
CA GLY C 244 27.16 2.12 17.82
C GLY C 244 27.03 0.91 16.91
N ARG C 245 26.78 -0.25 17.50
CA ARG C 245 26.83 -1.50 16.77
C ARG C 245 25.56 -1.74 15.98
N GLN C 246 24.51 -0.99 16.27
CA GLN C 246 23.18 -1.20 15.75
C GLN C 246 22.94 -0.33 14.52
N THR C 247 22.08 -0.82 13.64
CA THR C 247 21.56 -0.03 12.54
C THR C 247 20.19 0.44 12.97
N THR C 248 19.95 1.75 12.91
CA THR C 248 18.72 2.28 13.49
C THR C 248 17.71 2.79 12.47
N HIS C 249 18.17 3.27 11.32
CA HIS C 249 17.32 3.90 10.32
C HIS C 249 17.80 3.50 8.96
N ILE C 250 16.87 3.48 8.01
CA ILE C 250 17.21 3.39 6.61
C ILE C 250 16.86 4.73 5.99
N VAL C 251 17.81 5.31 5.28
CA VAL C 251 17.61 6.60 4.66
C VAL C 251 17.43 6.35 3.18
N PHE C 252 16.24 6.64 2.68
CA PHE C 252 15.89 6.39 1.28
C PHE C 252 15.96 7.67 0.48
N SER C 253 16.57 7.58 -0.69
CA SER C 253 16.53 8.65 -1.66
C SER C 253 16.07 8.05 -2.97
N PHE C 254 15.29 8.83 -3.73
CA PHE C 254 14.70 8.28 -4.95
C PHE C 254 14.42 9.39 -5.94
N ARG C 255 14.48 9.04 -7.21
CA ARG C 255 14.06 9.90 -8.32
C ARG C 255 13.15 9.09 -9.23
N ASP C 256 12.49 9.79 -10.14
CA ASP C 256 11.64 9.16 -11.14
C ASP C 256 12.42 8.87 -12.41
N ILE C 257 12.22 7.67 -12.95
CA ILE C 257 12.87 7.26 -14.19
C ILE C 257 12.72 8.34 -15.27
N THR C 258 11.62 9.08 -15.24
CA THR C 258 11.37 10.13 -16.23
C THR C 258 12.33 11.32 -16.16
N SER C 259 13.31 11.34 -15.25
CA SER C 259 14.35 12.36 -15.29
C SER C 259 15.72 11.74 -15.56
N UNK D 1 3.40 17.07 -10.87
CA UNK D 1 4.49 16.98 -11.85
C UNK D 1 4.49 15.61 -12.50
N UNK D 2 5.18 14.67 -11.86
CA UNK D 2 5.27 13.30 -12.37
C UNK D 2 3.95 12.53 -12.25
N UNK D 3 3.13 12.87 -11.25
CA UNK D 3 1.92 12.12 -10.85
C UNK D 3 1.12 11.52 -12.01
N UNK E 1 -1.53 16.78 -11.12
CA UNK E 1 -0.36 16.03 -11.57
C UNK E 1 -0.63 15.25 -12.86
N UNK E 2 0.26 15.40 -13.83
CA UNK E 2 0.13 14.71 -15.12
C UNK E 2 1.07 13.52 -15.21
N UNK E 3 0.99 12.79 -16.33
CA UNK E 3 1.75 11.55 -16.46
C UNK E 3 2.82 11.60 -17.53
N UNK E 4 3.90 10.86 -17.30
CA UNK E 4 4.96 10.69 -18.30
C UNK E 4 6.28 11.30 -17.86
NA NA F . 5.96 -17.02 -4.59
MG MG G . -3.61 -15.43 -7.11
MG MG H . -22.35 3.21 -0.62
#